data_5OWT
#
_entry.id   5OWT
#
_cell.length_a   89.000
_cell.length_b   98.230
_cell.length_c   113.380
_cell.angle_alpha   90.00
_cell.angle_beta   90.00
_cell.angle_gamma   90.00
#
_symmetry.space_group_name_H-M   'C 2 2 21'
#
loop_
_entity.id
_entity.type
_entity.pdbx_description
1 polymer Tankyrase-2
2 non-polymer 'SULFATE ION'
3 non-polymer (5S)-5-methyl-5-[4-(4-oxidanylidene-3H-quinazolin-2-yl)phenyl]imidazolidine-2,4-dione
4 non-polymer 'ZINC ION'
5 water water
#
_entity_poly.entity_id   1
_entity_poly.type   'polypeptide(L)'
_entity_poly.pdbx_seq_one_letter_code
;MHHHHHHSSGVDLGTENLYFQSMLNTSGSGTILIDLSPDDKEFQSVEEEMQSTVREHRDGGHAGGIFNRYNILKIQKVCN
KKLWERYTHRRKEVSEENHNHANERMLFHGSPFVNAIIHKGFDERHAYIGGMFGAGIYFAENSSKSNQYVYGIGGGTGCP
VHKDRSCYICHRQLLFCRVTLGKSFLQFSAMKMAHSPPGHHSVTGRPSVNGLALAEYVIYRGEQAYPEYLITYQIMRPEG
;
_entity_poly.pdbx_strand_id   A,B
#
# COMPACT_ATOMS: atom_id res chain seq x y z
N GLY A 30 -9.54 -20.25 -31.22
CA GLY A 30 -8.55 -21.09 -30.50
C GLY A 30 -9.04 -21.68 -29.21
N THR A 31 -9.86 -20.97 -28.44
CA THR A 31 -9.97 -21.28 -27.02
C THR A 31 -11.19 -22.07 -26.76
N ILE A 32 -11.04 -23.18 -26.05
CA ILE A 32 -12.17 -23.90 -25.56
C ILE A 32 -12.06 -24.05 -24.03
N LEU A 33 -13.20 -24.02 -23.33
CA LEU A 33 -13.28 -24.27 -21.89
C LEU A 33 -13.85 -25.64 -21.59
N ILE A 34 -13.17 -26.43 -20.75
CA ILE A 34 -13.60 -27.79 -20.37
C ILE A 34 -13.94 -27.87 -18.88
N ASP A 35 -15.18 -28.21 -18.55
CA ASP A 35 -15.59 -28.31 -17.14
C ASP A 35 -14.91 -29.40 -16.38
N LEU A 36 -14.41 -29.06 -15.19
CA LEU A 36 -13.95 -30.07 -14.29
C LEU A 36 -15.10 -30.45 -13.38
N SER A 37 -15.27 -31.73 -13.13
CA SER A 37 -16.37 -32.13 -12.31
C SER A 37 -15.92 -31.89 -10.88
N PRO A 38 -16.84 -31.50 -10.00
CA PRO A 38 -16.41 -31.28 -8.64
C PRO A 38 -15.73 -32.50 -8.03
N ASP A 39 -15.96 -33.70 -8.60
CA ASP A 39 -15.40 -34.96 -8.07
C ASP A 39 -14.00 -35.26 -8.55
N ASP A 40 -13.54 -34.49 -9.53
CA ASP A 40 -12.21 -34.61 -10.11
C ASP A 40 -11.15 -34.01 -9.17
N LYS A 41 -10.09 -34.76 -8.92
CA LYS A 41 -9.01 -34.29 -8.05
C LYS A 41 -8.45 -32.92 -8.46
N GLU A 42 -8.47 -32.64 -9.74
CA GLU A 42 -7.93 -31.41 -10.25
C GLU A 42 -8.85 -30.25 -9.83
N PHE A 43 -10.17 -30.45 -9.91
CA PHE A 43 -11.16 -29.47 -9.41
C PHE A 43 -10.88 -29.26 -7.93
N GLN A 44 -10.64 -30.35 -7.22
CA GLN A 44 -10.48 -30.25 -5.78
C GLN A 44 -9.20 -29.56 -5.36
N SER A 45 -8.09 -29.75 -6.06
CA SER A 45 -6.88 -29.06 -5.61
C SER A 45 -6.96 -27.56 -6.00
N VAL A 46 -7.59 -27.25 -7.12
CA VAL A 46 -7.76 -25.83 -7.48
C VAL A 46 -8.73 -25.22 -6.48
N GLU A 47 -9.83 -25.88 -6.18
CA GLU A 47 -10.70 -25.26 -5.18
C GLU A 47 -9.95 -24.96 -3.90
N GLU A 48 -9.17 -25.92 -3.41
CA GLU A 48 -8.54 -25.82 -2.09
C GLU A 48 -7.51 -24.65 -2.00
N GLU A 49 -6.78 -24.46 -3.08
CA GLU A 49 -5.89 -23.34 -3.26
C GLU A 49 -6.61 -21.97 -3.25
N MET A 50 -7.75 -21.92 -3.90
CA MET A 50 -8.59 -20.80 -3.89
C MET A 50 -9.09 -20.53 -2.48
N GLN A 51 -9.65 -21.53 -1.81
CA GLN A 51 -10.18 -21.26 -0.47
C GLN A 51 -9.08 -20.96 0.56
N SER A 52 -7.92 -21.62 0.47
CA SER A 52 -6.98 -21.62 1.59
C SER A 52 -6.06 -20.40 1.56
N THR A 53 -6.16 -19.60 0.50
CA THR A 53 -5.31 -18.46 0.34
C THR A 53 -6.15 -17.20 0.49
N VAL A 54 -7.35 -17.34 1.04
CA VAL A 54 -8.13 -16.19 1.41
C VAL A 54 -7.53 -15.54 2.66
N ARG A 55 -7.41 -14.23 2.69
CA ARG A 55 -6.95 -13.56 3.91
C ARG A 55 -7.79 -12.32 4.14
N GLU A 56 -7.77 -11.80 5.35
CA GLU A 56 -8.24 -10.43 5.62
C GLU A 56 -7.43 -9.37 4.90
N HIS A 57 -8.10 -8.31 4.43
CA HIS A 57 -7.44 -7.22 3.74
C HIS A 57 -7.51 -5.95 4.59
N ARG A 58 -6.53 -5.08 4.45
CA ARG A 58 -6.41 -3.99 5.40
C ARG A 58 -7.48 -2.99 5.05
N ASP A 59 -8.15 -3.14 3.91
CA ASP A 59 -9.23 -2.23 3.55
C ASP A 59 -10.56 -2.65 4.17
N GLY A 60 -10.53 -3.69 4.99
CA GLY A 60 -11.72 -4.14 5.67
C GLY A 60 -12.74 -4.77 4.74
N GLY A 61 -12.32 -5.09 3.51
CA GLY A 61 -13.22 -5.58 2.49
C GLY A 61 -13.84 -4.53 1.56
N HIS A 62 -13.41 -3.29 1.67
CA HIS A 62 -13.90 -2.25 0.78
C HIS A 62 -13.87 -2.69 -0.68
N ALA A 63 -12.68 -3.07 -1.18
CA ALA A 63 -12.48 -3.38 -2.61
C ALA A 63 -13.14 -4.65 -3.09
N GLY A 64 -12.98 -5.72 -2.31
CA GLY A 64 -13.34 -7.06 -2.72
C GLY A 64 -14.49 -7.65 -1.98
N GLY A 65 -14.92 -6.96 -0.94
CA GLY A 65 -16.07 -7.38 -0.17
C GLY A 65 -15.68 -8.17 1.04
N ILE A 66 -16.65 -8.42 1.88
CA ILE A 66 -16.37 -9.04 3.17
C ILE A 66 -16.66 -10.52 3.10
N PHE A 67 -15.62 -11.35 3.27
CA PHE A 67 -15.79 -12.79 3.26
C PHE A 67 -14.59 -13.52 3.75
N ASN A 68 -14.80 -14.78 4.13
CA ASN A 68 -13.78 -15.71 4.55
C ASN A 68 -13.64 -16.88 3.66
N ARG A 69 -14.66 -17.14 2.84
CA ARG A 69 -14.60 -18.17 1.84
C ARG A 69 -15.55 -17.90 0.66
N TYR A 70 -15.50 -18.78 -0.34
CA TYR A 70 -16.19 -18.60 -1.57
C TYR A 70 -17.16 -19.73 -1.72
N ASN A 71 -18.22 -19.49 -2.44
CA ASN A 71 -19.00 -20.56 -3.05
C ASN A 71 -18.47 -20.76 -4.48
N ILE A 72 -17.77 -21.88 -4.69
CA ILE A 72 -17.18 -22.16 -5.99
C ILE A 72 -18.26 -22.73 -6.86
N LEU A 73 -18.54 -22.08 -7.98
CA LEU A 73 -19.62 -22.51 -8.86
C LEU A 73 -19.15 -23.41 -9.99
N LYS A 74 -17.97 -23.13 -10.52
CA LYS A 74 -17.49 -23.80 -11.69
C LYS A 74 -16.00 -23.68 -11.75
N ILE A 75 -15.36 -24.72 -12.25
CA ILE A 75 -13.95 -24.62 -12.60
C ILE A 75 -13.75 -25.23 -13.96
N GLN A 76 -13.17 -24.45 -14.87
CA GLN A 76 -12.94 -24.83 -16.22
C GLN A 76 -11.48 -24.76 -16.58
N LYS A 77 -10.97 -25.78 -17.27
CA LYS A 77 -9.62 -25.76 -17.80
C LYS A 77 -9.68 -24.97 -19.08
N VAL A 78 -8.73 -24.08 -19.26
CA VAL A 78 -8.68 -23.23 -20.45
C VAL A 78 -7.67 -23.82 -21.42
N CYS A 79 -8.16 -24.32 -22.55
CA CYS A 79 -7.34 -25.00 -23.56
CA CYS A 79 -7.29 -24.96 -23.52
C CYS A 79 -7.25 -24.15 -24.82
N ASN A 80 -6.04 -23.69 -25.14
CA ASN A 80 -5.72 -23.03 -26.38
C ASN A 80 -4.28 -23.42 -26.75
N LYS A 81 -4.14 -24.23 -27.79
CA LYS A 81 -2.85 -24.73 -28.28
C LYS A 81 -1.87 -23.63 -28.68
N LYS A 82 -2.37 -22.60 -29.31
CA LYS A 82 -1.50 -21.56 -29.79
C LYS A 82 -1.06 -20.67 -28.65
N LEU A 83 -1.94 -20.39 -27.68
CA LEU A 83 -1.50 -19.59 -26.55
C LEU A 83 -0.56 -20.45 -25.69
N TRP A 84 -0.82 -21.74 -25.59
CA TRP A 84 0.01 -22.60 -24.78
C TRP A 84 1.42 -22.70 -25.38
N GLU A 85 1.53 -22.86 -26.69
CA GLU A 85 2.84 -22.85 -27.34
C GLU A 85 3.60 -21.51 -27.21
N ARG A 86 2.88 -20.40 -27.16
CA ARG A 86 3.47 -19.07 -26.94
C ARG A 86 4.09 -19.01 -25.53
N TYR A 87 3.42 -19.65 -24.58
CA TYR A 87 3.88 -19.72 -23.20
C TYR A 87 5.10 -20.63 -23.09
N THR A 88 5.04 -21.82 -23.67
CA THR A 88 6.16 -22.76 -23.51
C THR A 88 7.41 -22.28 -24.19
N HIS A 89 7.24 -21.55 -25.26
CA HIS A 89 8.36 -21.01 -25.99
C HIS A 89 9.05 -19.90 -25.21
N ARG A 90 8.26 -19.04 -24.62
CA ARG A 90 8.87 -18.02 -23.83
C ARG A 90 9.45 -18.70 -22.56
N ARG A 91 8.77 -19.71 -22.06
CA ARG A 91 9.27 -20.35 -20.85
C ARG A 91 10.66 -20.90 -21.12
N LYS A 92 10.84 -21.47 -22.31
CA LYS A 92 12.10 -22.06 -22.69
C LYS A 92 13.20 -21.05 -22.62
N GLU A 93 12.99 -19.92 -23.29
CA GLU A 93 13.97 -18.85 -23.36
C GLU A 93 14.40 -18.41 -21.99
N VAL A 94 13.42 -18.20 -21.12
CA VAL A 94 13.69 -17.81 -19.75
C VAL A 94 14.48 -18.92 -19.03
N SER A 95 14.06 -20.17 -19.07
CA SER A 95 14.80 -21.21 -18.36
C SER A 95 16.27 -21.20 -18.78
N GLU A 96 16.48 -21.09 -20.08
CA GLU A 96 17.84 -21.07 -20.62
C GLU A 96 18.65 -19.83 -20.22
N GLU A 97 18.01 -18.75 -19.78
CA GLU A 97 18.75 -17.61 -19.24
C GLU A 97 18.86 -17.69 -17.75
N ASN A 98 18.49 -18.81 -17.14
CA ASN A 98 18.43 -18.91 -15.69
C ASN A 98 18.74 -20.34 -15.28
N HIS A 99 19.91 -20.80 -15.69
CA HIS A 99 20.33 -22.16 -15.39
C HIS A 99 19.24 -23.20 -15.40
N ASN A 100 18.52 -23.27 -16.52
CA ASN A 100 17.43 -24.21 -16.72
C ASN A 100 16.31 -24.20 -15.66
N HIS A 101 15.93 -23.02 -15.24
CA HIS A 101 14.92 -22.93 -14.20
C HIS A 101 13.96 -21.82 -14.55
N ALA A 102 12.74 -22.20 -14.93
CA ALA A 102 11.69 -21.31 -15.34
C ALA A 102 11.18 -20.53 -14.15
N ASN A 103 11.32 -21.13 -12.98
CA ASN A 103 10.76 -20.61 -11.75
C ASN A 103 9.26 -20.35 -11.95
N GLU A 104 8.57 -21.46 -12.21
CA GLU A 104 7.16 -21.47 -12.59
C GLU A 104 6.28 -21.68 -11.38
N ARG A 105 5.29 -20.79 -11.29
CA ARG A 105 4.34 -20.78 -10.19
C ARG A 105 2.93 -20.84 -10.76
N MET A 106 1.97 -21.20 -9.92
CA MET A 106 0.59 -21.05 -10.21
C MET A 106 0.10 -19.92 -9.31
N LEU A 107 -0.45 -18.89 -9.94
CA LEU A 107 -0.85 -17.69 -9.25
C LEU A 107 -2.18 -17.19 -9.75
N PHE A 108 -2.91 -16.45 -8.91
CA PHE A 108 -4.20 -15.84 -9.29
C PHE A 108 -4.09 -14.49 -10.01
N HIS A 109 -5.06 -14.25 -10.88
CA HIS A 109 -5.21 -12.98 -11.54
C HIS A 109 -6.68 -12.69 -11.69
N GLY A 110 -7.07 -11.52 -11.17
CA GLY A 110 -8.41 -11.03 -11.32
C GLY A 110 -8.44 -9.78 -12.19
N SER A 111 -9.44 -9.63 -13.05
CA SER A 111 -9.46 -8.54 -13.99
C SER A 111 -10.81 -8.43 -14.66
N PRO A 112 -11.24 -7.19 -15.00
CA PRO A 112 -12.47 -7.13 -15.79
C PRO A 112 -12.26 -7.67 -17.17
N PHE A 113 -11.02 -7.98 -17.55
CA PHE A 113 -10.75 -8.48 -18.90
C PHE A 113 -10.48 -10.01 -19.00
N VAL A 114 -11.03 -10.81 -18.08
CA VAL A 114 -10.75 -12.26 -18.07
C VAL A 114 -11.20 -12.92 -19.35
N ASN A 115 -12.25 -12.42 -19.98
CA ASN A 115 -12.60 -12.93 -21.30
C ASN A 115 -11.62 -12.68 -22.41
N ALA A 116 -11.17 -11.46 -22.60
CA ALA A 116 -10.14 -11.24 -23.60
C ALA A 116 -8.90 -12.09 -23.29
N ILE A 117 -8.63 -12.35 -22.02
CA ILE A 117 -7.37 -12.98 -21.68
C ILE A 117 -7.38 -14.45 -22.07
N ILE A 118 -8.43 -15.16 -21.72
CA ILE A 118 -8.52 -16.56 -22.13
C ILE A 118 -8.68 -16.75 -23.66
N HIS A 119 -9.10 -15.72 -24.41
CA HIS A 119 -9.17 -15.84 -25.88
C HIS A 119 -7.92 -15.36 -26.56
N LYS A 120 -7.35 -14.26 -26.10
CA LYS A 120 -6.22 -13.62 -26.78
C LYS A 120 -4.88 -13.62 -26.00
N GLY A 121 -4.84 -14.14 -24.77
CA GLY A 121 -3.62 -14.17 -23.97
C GLY A 121 -3.42 -12.85 -23.23
N PHE A 122 -2.47 -12.81 -22.31
CA PHE A 122 -2.15 -11.56 -21.63
C PHE A 122 -1.34 -10.67 -22.54
N ASP A 123 -1.48 -9.35 -22.41
CA ASP A 123 -0.58 -8.44 -23.09
C ASP A 123 -0.53 -7.07 -22.40
N GLU A 124 0.08 -6.08 -23.03
CA GLU A 124 0.41 -4.78 -22.40
C GLU A 124 -0.78 -4.04 -21.84
N ARG A 125 -1.92 -4.20 -22.49
CA ARG A 125 -3.13 -3.56 -22.02
C ARG A 125 -3.62 -4.19 -20.73
N HIS A 126 -3.09 -5.35 -20.35
CA HIS A 126 -3.44 -5.92 -19.05
C HIS A 126 -2.53 -5.50 -17.91
N ALA A 127 -1.57 -4.60 -18.20
CA ALA A 127 -0.58 -4.18 -17.25
C ALA A 127 -1.18 -3.13 -16.34
N TYR A 128 -0.82 -3.19 -15.06
CA TYR A 128 -1.30 -2.26 -14.05
C TYR A 128 -0.26 -1.16 -13.94
N ILE A 129 -0.49 -0.06 -14.66
CA ILE A 129 0.56 0.97 -14.82
C ILE A 129 1.00 1.57 -13.50
N GLY A 130 0.04 1.90 -12.64
CA GLY A 130 0.36 2.39 -11.30
C GLY A 130 0.62 1.31 -10.28
N GLY A 131 0.91 0.08 -10.70
CA GLY A 131 1.11 -0.97 -9.74
C GLY A 131 2.20 -0.61 -8.73
N MET A 132 1.94 -0.90 -7.48
CA MET A 132 2.88 -0.75 -6.40
C MET A 132 4.30 -1.30 -6.64
N PHE A 133 4.48 -2.31 -7.49
CA PHE A 133 5.82 -2.83 -7.76
C PHE A 133 6.22 -2.54 -9.20
N GLY A 134 5.73 -1.43 -9.76
CA GLY A 134 6.13 -0.97 -11.10
C GLY A 134 5.37 -1.55 -12.27
N ALA A 135 5.11 -0.75 -13.30
CA ALA A 135 4.13 -1.11 -14.35
C ALA A 135 4.33 -2.53 -14.83
N GLY A 136 3.27 -3.32 -14.90
CA GLY A 136 3.35 -4.67 -15.45
C GLY A 136 2.08 -5.46 -15.15
N ILE A 137 2.08 -6.75 -15.46
CA ILE A 137 0.95 -7.60 -15.22
C ILE A 137 1.11 -8.25 -13.84
N TYR A 138 0.07 -8.11 -13.01
CA TYR A 138 0.10 -8.53 -11.60
C TYR A 138 -0.55 -9.88 -11.34
N PHE A 139 0.08 -10.67 -10.47
CA PHE A 139 -0.46 -11.95 -10.03
C PHE A 139 -0.31 -12.02 -8.54
N ALA A 140 -1.21 -12.75 -7.85
CA ALA A 140 -1.16 -12.89 -6.40
C ALA A 140 -1.12 -14.32 -5.95
N GLU A 141 -0.44 -14.58 -4.85
CA GLU A 141 -0.61 -15.85 -4.13
C GLU A 141 -1.97 -15.90 -3.41
N ASN A 142 -2.42 -14.76 -2.87
CA ASN A 142 -3.73 -14.71 -2.19
C ASN A 142 -4.84 -14.54 -3.16
N SER A 143 -5.68 -15.55 -3.31
CA SER A 143 -6.81 -15.46 -4.22
C SER A 143 -7.65 -14.21 -3.91
N SER A 144 -7.84 -13.98 -2.63
CA SER A 144 -8.60 -12.83 -2.14
C SER A 144 -7.97 -11.48 -2.58
N LYS A 145 -6.66 -11.43 -2.76
CA LYS A 145 -6.05 -10.24 -3.35
C LYS A 145 -6.52 -10.05 -4.82
N SER A 146 -6.45 -11.11 -5.61
CA SER A 146 -6.87 -11.01 -6.99
C SER A 146 -8.35 -10.67 -7.05
N ASN A 147 -9.11 -11.21 -6.12
CA ASN A 147 -10.53 -10.88 -5.99
C ASN A 147 -10.83 -9.40 -5.98
N GLN A 148 -9.88 -8.61 -5.46
CA GLN A 148 -10.06 -7.16 -5.37
C GLN A 148 -10.13 -6.47 -6.71
N TYR A 149 -9.66 -7.13 -7.74
CA TYR A 149 -9.54 -6.56 -9.05
C TYR A 149 -10.55 -7.11 -10.04
N VAL A 150 -11.43 -8.00 -9.63
CA VAL A 150 -12.38 -8.57 -10.58
C VAL A 150 -13.24 -7.44 -11.23
N TYR A 151 -13.61 -6.44 -10.43
CA TYR A 151 -14.42 -5.34 -10.99
C TYR A 151 -13.59 -4.11 -11.32
N GLY A 152 -12.27 -4.28 -11.38
CA GLY A 152 -11.36 -3.21 -11.68
C GLY A 152 -10.57 -2.77 -10.48
N ILE A 153 -9.65 -1.83 -10.74
CA ILE A 153 -8.76 -1.31 -9.70
C ILE A 153 -9.60 -0.80 -8.51
N GLY A 154 -9.25 -1.26 -7.30
CA GLY A 154 -9.96 -0.87 -6.10
C GLY A 154 -11.34 -1.47 -5.97
N GLY A 155 -11.64 -2.47 -6.82
CA GLY A 155 -12.99 -2.97 -6.95
C GLY A 155 -13.91 -2.09 -7.79
N GLY A 156 -13.34 -1.06 -8.43
CA GLY A 156 -14.09 -0.08 -9.19
C GLY A 156 -15.41 0.27 -8.53
N THR A 157 -16.49 0.08 -9.30
CA THR A 157 -17.84 0.47 -8.85
C THR A 157 -18.58 -0.77 -8.35
N GLY A 158 -17.87 -1.89 -8.28
CA GLY A 158 -18.43 -3.15 -7.80
C GLY A 158 -19.15 -3.86 -8.95
N CYS A 159 -20.04 -4.78 -8.62
CA CYS A 159 -20.69 -5.56 -9.67
C CYS A 159 -21.46 -4.67 -10.67
N PRO A 160 -21.54 -5.10 -11.94
CA PRO A 160 -22.24 -4.25 -12.86
C PRO A 160 -23.76 -4.22 -12.62
N VAL A 161 -24.33 -5.24 -11.97
CA VAL A 161 -25.77 -5.27 -11.73
C VAL A 161 -26.15 -4.43 -10.52
N HIS A 162 -25.47 -4.57 -9.40
CA HIS A 162 -25.86 -3.82 -8.19
C HIS A 162 -24.92 -2.70 -7.77
N LYS A 163 -23.87 -2.44 -8.54
CA LYS A 163 -22.81 -1.53 -8.05
C LYS A 163 -22.37 -1.84 -6.61
N ASP A 164 -22.16 -3.10 -6.31
CA ASP A 164 -21.83 -3.51 -4.95
C ASP A 164 -20.49 -4.29 -5.02
N ARG A 165 -19.45 -3.68 -4.47
CA ARG A 165 -18.15 -4.28 -4.42
C ARG A 165 -18.20 -5.54 -3.58
N SER A 166 -19.19 -5.63 -2.68
CA SER A 166 -19.34 -6.80 -1.79
C SER A 166 -20.51 -7.69 -2.23
N CYS A 167 -20.97 -7.54 -3.47
CA CYS A 167 -22.11 -8.31 -3.94
C CYS A 167 -21.89 -9.81 -3.64
N TYR A 168 -22.90 -10.43 -3.03
CA TYR A 168 -22.87 -11.87 -2.73
C TYR A 168 -23.70 -12.66 -3.75
N ILE A 169 -24.28 -11.95 -4.71
CA ILE A 169 -25.18 -12.57 -5.64
C ILE A 169 -24.48 -12.75 -6.99
N CYS A 170 -23.87 -11.69 -7.48
CA CYS A 170 -23.32 -11.76 -8.82
C CYS A 170 -22.10 -12.71 -8.82
N HIS A 171 -21.97 -13.44 -9.92
CA HIS A 171 -20.93 -14.41 -10.08
C HIS A 171 -19.67 -13.73 -10.49
N ARG A 172 -18.56 -14.18 -9.93
CA ARG A 172 -17.24 -13.65 -10.27
C ARG A 172 -16.42 -14.71 -10.95
N GLN A 173 -15.40 -14.28 -11.66
CA GLN A 173 -14.32 -15.11 -12.20
C GLN A 173 -12.92 -14.64 -11.80
N LEU A 174 -12.05 -15.60 -11.45
CA LEU A 174 -10.61 -15.39 -11.31
C LEU A 174 -9.93 -16.37 -12.27
N LEU A 175 -8.71 -16.08 -12.70
CA LEU A 175 -7.91 -17.03 -13.43
C LEU A 175 -6.86 -17.59 -12.50
N PHE A 176 -6.65 -18.89 -12.55
CA PHE A 176 -5.54 -19.48 -11.84
C PHE A 176 -4.49 -19.82 -12.87
N CYS A 177 -3.35 -19.10 -12.87
CA CYS A 177 -2.45 -19.04 -14.01
C CYS A 177 -1.11 -19.64 -13.75
N ARG A 178 -0.55 -20.20 -14.80
CA ARG A 178 0.83 -20.67 -14.81
C ARG A 178 1.66 -19.49 -15.23
N VAL A 179 2.54 -19.04 -14.33
CA VAL A 179 3.41 -17.89 -14.48
C VAL A 179 4.90 -18.26 -14.36
N THR A 180 5.67 -17.82 -15.34
CA THR A 180 7.08 -18.04 -15.38
C THR A 180 7.74 -16.80 -14.77
N LEU A 181 8.41 -16.94 -13.63
CA LEU A 181 9.04 -15.77 -12.98
C LEU A 181 10.49 -15.61 -13.39
N GLY A 182 11.13 -16.72 -13.79
CA GLY A 182 12.57 -16.75 -14.01
C GLY A 182 13.33 -16.15 -12.83
N LYS A 183 14.37 -15.41 -13.14
CA LYS A 183 15.11 -14.68 -12.10
C LYS A 183 14.29 -13.50 -11.68
N SER A 184 13.79 -13.53 -10.46
CA SER A 184 12.84 -12.51 -10.00
C SER A 184 13.49 -11.46 -9.08
N PHE A 185 13.33 -10.18 -9.42
CA PHE A 185 13.82 -9.10 -8.59
C PHE A 185 13.03 -9.04 -7.28
N LEU A 186 13.69 -9.24 -6.14
CA LEU A 186 13.00 -9.32 -4.88
C LEU A 186 12.81 -7.92 -4.30
N GLN A 187 11.59 -7.42 -4.36
CA GLN A 187 11.26 -6.09 -3.83
C GLN A 187 10.56 -6.17 -2.48
N PHE A 188 10.95 -5.32 -1.54
CA PHE A 188 10.32 -5.30 -0.22
C PHE A 188 9.44 -4.06 -0.09
N SER A 189 8.28 -4.26 0.54
CA SER A 189 7.37 -3.18 0.94
C SER A 189 7.29 -3.19 2.45
N ALA A 190 7.25 -2.02 3.11
CA ALA A 190 7.15 -1.97 4.58
C ALA A 190 5.71 -2.12 5.02
N PRO A 198 16.24 -5.43 -15.95
CA PRO A 198 17.42 -5.92 -16.69
C PRO A 198 18.15 -7.00 -15.90
N GLY A 199 18.37 -8.16 -16.54
CA GLY A 199 18.81 -9.36 -15.82
C GLY A 199 17.76 -9.96 -14.89
N HIS A 200 16.48 -9.56 -15.07
CA HIS A 200 15.38 -10.09 -14.27
C HIS A 200 14.21 -10.33 -15.18
N HIS A 201 13.39 -11.33 -14.91
CA HIS A 201 12.21 -11.59 -15.76
C HIS A 201 10.89 -11.31 -15.07
N SER A 202 10.97 -10.85 -13.82
CA SER A 202 9.80 -10.55 -12.99
C SER A 202 10.25 -9.86 -11.72
N VAL A 203 9.27 -9.42 -10.93
CA VAL A 203 9.47 -8.80 -9.64
C VAL A 203 8.65 -9.61 -8.67
N THR A 204 9.24 -9.94 -7.53
CA THR A 204 8.51 -10.50 -6.41
C THR A 204 8.28 -9.40 -5.36
N GLY A 205 7.00 -9.14 -5.08
CA GLY A 205 6.55 -8.07 -4.20
C GLY A 205 6.33 -8.70 -2.86
N ARG A 206 7.39 -8.76 -2.06
CA ARG A 206 7.38 -9.46 -0.80
C ARG A 206 6.59 -8.64 0.23
N PRO A 207 5.78 -9.30 1.07
CA PRO A 207 5.08 -8.49 2.05
C PRO A 207 6.01 -8.27 3.23
N SER A 208 5.74 -7.23 4.04
CA SER A 208 6.64 -6.86 5.14
C SER A 208 5.87 -6.65 6.44
N VAL A 209 5.15 -5.52 6.49
CA VAL A 209 4.06 -5.28 7.43
C VAL A 209 2.94 -6.09 6.80
N ASN A 210 1.85 -6.36 7.52
CA ASN A 210 0.82 -7.27 7.00
C ASN A 210 1.47 -8.66 7.01
N GLY A 211 1.79 -9.15 8.20
CA GLY A 211 2.38 -10.47 8.33
C GLY A 211 1.34 -11.54 8.06
N LEU A 212 0.35 -11.20 7.26
CA LEU A 212 -0.70 -12.14 6.84
C LEU A 212 -0.68 -12.30 5.33
N ALA A 213 -0.13 -11.30 4.67
CA ALA A 213 -0.18 -11.22 3.23
C ALA A 213 0.81 -12.19 2.65
N LEU A 214 0.43 -12.82 1.53
CA LEU A 214 1.39 -13.51 0.68
C LEU A 214 1.93 -12.60 -0.41
N ALA A 215 2.91 -13.13 -1.14
CA ALA A 215 3.60 -12.42 -2.21
C ALA A 215 2.72 -12.09 -3.37
N GLU A 216 3.08 -11.00 -4.02
CA GLU A 216 2.52 -10.61 -5.30
C GLU A 216 3.65 -10.60 -6.30
N TYR A 217 3.34 -10.76 -7.58
CA TYR A 217 4.37 -10.81 -8.59
C TYR A 217 3.98 -9.99 -9.81
N VAL A 218 4.96 -9.62 -10.60
CA VAL A 218 4.77 -8.76 -11.77
C VAL A 218 5.62 -9.33 -12.90
N ILE A 219 5.01 -9.53 -14.06
CA ILE A 219 5.80 -9.87 -15.24
C ILE A 219 5.65 -8.72 -16.19
N TYR A 220 6.58 -8.62 -17.11
CA TYR A 220 6.56 -7.55 -18.10
C TYR A 220 6.12 -8.05 -19.48
N ARG A 221 6.15 -9.36 -19.72
CA ARG A 221 5.69 -9.91 -21.00
C ARG A 221 4.49 -10.79 -20.80
N GLY A 222 3.42 -10.52 -21.52
CA GLY A 222 2.23 -11.37 -21.48
C GLY A 222 2.47 -12.84 -21.72
N GLU A 223 3.45 -13.18 -22.55
CA GLU A 223 3.74 -14.58 -22.87
C GLU A 223 4.21 -15.37 -21.66
N GLN A 224 4.71 -14.68 -20.64
CA GLN A 224 5.19 -15.40 -19.44
C GLN A 224 4.11 -15.88 -18.50
N ALA A 225 2.82 -15.73 -18.86
CA ALA A 225 1.73 -16.29 -18.09
C ALA A 225 0.72 -16.96 -18.98
N TYR A 226 0.16 -18.06 -18.53
CA TYR A 226 -0.86 -18.75 -19.30
C TYR A 226 -2.06 -18.99 -18.39
N PRO A 227 -3.28 -18.64 -18.84
CA PRO A 227 -4.43 -18.69 -17.94
C PRO A 227 -5.05 -20.07 -17.90
N GLU A 228 -4.54 -20.93 -17.03
CA GLU A 228 -4.91 -22.34 -17.09
C GLU A 228 -6.28 -22.68 -16.61
N TYR A 229 -6.75 -22.06 -15.54
CA TYR A 229 -8.06 -22.36 -15.03
C TYR A 229 -8.91 -21.12 -14.88
N LEU A 230 -10.19 -21.27 -15.20
CA LEU A 230 -11.13 -20.20 -15.06
C LEU A 230 -12.06 -20.61 -13.97
N ILE A 231 -12.11 -19.81 -12.93
CA ILE A 231 -12.89 -20.11 -11.75
C ILE A 231 -14.01 -19.12 -11.57
N THR A 232 -15.23 -19.65 -11.55
CA THR A 232 -16.46 -18.91 -11.37
C THR A 232 -16.93 -19.20 -9.96
N TYR A 233 -17.13 -18.13 -9.19
CA TYR A 233 -17.58 -18.23 -7.81
C TYR A 233 -18.42 -17.06 -7.37
N GLN A 234 -19.05 -17.23 -6.21
CA GLN A 234 -19.49 -16.10 -5.40
C GLN A 234 -18.64 -16.03 -4.15
N ILE A 235 -18.43 -14.80 -3.65
CA ILE A 235 -17.93 -14.68 -2.26
C ILE A 235 -19.10 -15.02 -1.34
N MET A 236 -18.85 -15.66 -0.20
CA MET A 236 -19.93 -16.05 0.72
C MET A 236 -19.97 -15.09 1.92
N ARG A 237 -21.14 -14.54 2.21
CA ARG A 237 -21.36 -13.76 3.42
C ARG A 237 -21.04 -14.65 4.63
N PRO A 238 -20.31 -14.12 5.62
CA PRO A 238 -20.02 -14.88 6.84
C PRO A 238 -21.21 -15.12 7.73
N GLU A 239 -21.04 -16.03 8.68
CA GLU A 239 -22.02 -16.29 9.73
C GLU A 239 -21.96 -15.22 10.78
N GLY B 30 -9.83 -1.93 14.66
CA GLY B 30 -10.91 -1.08 14.10
C GLY B 30 -10.53 -0.16 12.95
N THR B 31 -9.30 -0.25 12.47
CA THR B 31 -8.83 0.68 11.44
C THR B 31 -9.04 0.02 10.11
N ILE B 32 -9.56 0.74 9.14
CA ILE B 32 -9.53 0.28 7.77
C ILE B 32 -8.80 1.35 6.95
N LEU B 33 -8.14 0.90 5.89
CA LEU B 33 -7.34 1.76 5.02
C LEU B 33 -7.98 1.71 3.68
N ILE B 34 -8.34 2.86 3.17
CA ILE B 34 -8.98 2.91 1.89
C ILE B 34 -8.06 3.56 0.90
N ASP B 35 -7.75 2.86 -0.18
CA ASP B 35 -6.95 3.41 -1.26
C ASP B 35 -7.62 4.55 -1.90
N LEU B 36 -6.82 5.56 -2.26
CA LEU B 36 -7.27 6.64 -3.10
C LEU B 36 -6.68 6.40 -4.45
N SER B 37 -7.40 6.85 -5.45
CA SER B 37 -7.00 6.63 -6.83
C SER B 37 -6.13 7.79 -7.20
N PRO B 38 -5.07 7.51 -7.97
CA PRO B 38 -4.28 8.59 -8.52
C PRO B 38 -5.08 9.69 -9.21
N ASP B 39 -6.27 9.42 -9.71
CA ASP B 39 -7.12 10.41 -10.40
C ASP B 39 -8.00 11.18 -9.48
N ASP B 40 -8.17 10.69 -8.29
CA ASP B 40 -8.85 11.40 -7.25
C ASP B 40 -8.06 12.72 -6.93
N LYS B 41 -8.76 13.83 -6.80
CA LYS B 41 -8.10 15.09 -6.48
C LYS B 41 -7.59 15.03 -5.05
N GLU B 42 -8.21 14.22 -4.23
CA GLU B 42 -7.67 13.97 -2.88
C GLU B 42 -6.30 13.29 -2.91
N PHE B 43 -6.15 12.25 -3.68
CA PHE B 43 -4.80 11.74 -3.92
C PHE B 43 -3.87 12.85 -4.36
N GLN B 44 -4.32 13.65 -5.30
CA GLN B 44 -3.42 14.61 -5.90
C GLN B 44 -3.01 15.73 -4.98
N SER B 45 -3.94 16.19 -4.15
CA SER B 45 -3.60 17.22 -3.20
C SER B 45 -2.56 16.74 -2.18
N VAL B 46 -2.74 15.51 -1.70
CA VAL B 46 -1.81 14.94 -0.74
C VAL B 46 -0.44 14.74 -1.35
N GLU B 47 -0.37 14.22 -2.58
CA GLU B 47 0.93 14.07 -3.24
C GLU B 47 1.64 15.40 -3.37
N GLU B 48 0.90 16.41 -3.81
CA GLU B 48 1.50 17.71 -4.05
C GLU B 48 1.99 18.30 -2.72
N GLU B 49 1.26 18.04 -1.66
CA GLU B 49 1.71 18.40 -0.34
C GLU B 49 3.06 17.69 -0.01
N MET B 50 3.16 16.41 -0.33
CA MET B 50 4.43 15.70 -0.16
C MET B 50 5.53 16.38 -0.97
N GLN B 51 5.30 16.53 -2.27
CA GLN B 51 6.37 16.86 -3.18
C GLN B 51 6.83 18.28 -2.97
N SER B 52 5.88 19.17 -2.70
CA SER B 52 6.17 20.58 -2.65
C SER B 52 6.87 20.98 -1.39
N THR B 53 6.99 20.05 -0.42
CA THR B 53 7.62 20.39 0.84
C THR B 53 8.91 19.60 1.07
N VAL B 54 9.49 19.10 0.00
CA VAL B 54 10.84 18.58 0.05
C VAL B 54 11.81 19.74 0.14
N ARG B 55 12.81 19.61 1.01
CA ARG B 55 13.90 20.56 1.02
C ARG B 55 15.23 19.86 1.21
N GLU B 56 16.26 20.66 1.00
CA GLU B 56 17.61 20.37 1.41
C GLU B 56 17.70 20.32 2.91
N HIS B 57 18.45 19.35 3.43
CA HIS B 57 18.72 19.28 4.84
C HIS B 57 20.21 19.53 5.13
N ARG B 58 20.49 20.04 6.32
CA ARG B 58 21.89 20.43 6.64
C ARG B 58 22.72 19.17 6.81
N ASP B 59 22.14 17.98 6.81
CA ASP B 59 22.98 16.80 6.94
C ASP B 59 23.42 16.24 5.61
N GLY B 60 23.07 16.94 4.53
CA GLY B 60 23.52 16.52 3.21
C GLY B 60 22.78 15.26 2.76
N GLY B 61 21.71 14.92 3.44
CA GLY B 61 20.99 13.68 3.13
C GLY B 61 21.30 12.52 4.04
N HIS B 62 22.17 12.73 5.00
CA HIS B 62 22.61 11.62 5.86
C HIS B 62 21.49 10.79 6.44
N ALA B 63 20.55 11.43 7.17
CA ALA B 63 19.45 10.70 7.81
C ALA B 63 18.38 10.19 6.86
N GLY B 64 17.97 11.00 5.89
CA GLY B 64 16.80 10.70 5.10
C GLY B 64 17.07 10.28 3.67
N GLY B 65 18.32 10.44 3.24
CA GLY B 65 18.73 10.19 1.88
C GLY B 65 18.77 11.45 1.04
N ILE B 66 19.36 11.31 -0.15
CA ILE B 66 19.50 12.38 -1.11
C ILE B 66 18.44 12.23 -2.19
N PHE B 67 17.58 13.23 -2.29
CA PHE B 67 16.47 13.26 -3.24
C PHE B 67 15.86 14.62 -3.29
N ASN B 68 15.21 14.91 -4.42
CA ASN B 68 14.50 16.19 -4.64
C ASN B 68 13.00 15.98 -4.75
N ARG B 69 12.59 14.73 -4.97
CA ARG B 69 11.20 14.38 -5.04
C ARG B 69 11.03 12.91 -4.68
N TYR B 70 9.77 12.48 -4.57
CA TYR B 70 9.40 11.13 -4.19
C TYR B 70 8.79 10.43 -5.39
N ASN B 71 8.84 9.11 -5.38
CA ASN B 71 7.94 8.30 -6.19
C ASN B 71 6.76 7.84 -5.31
N ILE B 72 5.59 8.44 -5.50
CA ILE B 72 4.43 8.06 -4.68
C ILE B 72 3.82 6.76 -5.18
N LEU B 73 3.85 5.72 -4.34
CA LEU B 73 3.32 4.41 -4.68
C LEU B 73 1.87 4.25 -4.32
N LYS B 74 1.45 4.79 -3.17
CA LYS B 74 0.09 4.62 -2.70
C LYS B 74 -0.29 5.61 -1.60
N ILE B 75 -1.49 6.18 -1.70
CA ILE B 75 -2.05 6.99 -0.63
C ILE B 75 -3.38 6.37 -0.16
N GLN B 76 -3.46 6.04 1.12
CA GLN B 76 -4.64 5.44 1.73
C GLN B 76 -5.25 6.34 2.81
N LYS B 77 -6.57 6.48 2.88
CA LYS B 77 -7.20 7.20 4.02
C LYS B 77 -7.30 6.27 5.19
N VAL B 78 -6.99 6.77 6.36
CA VAL B 78 -7.09 5.95 7.55
C VAL B 78 -8.44 6.23 8.22
N CYS B 79 -9.28 5.21 8.28
CA CYS B 79 -10.64 5.30 8.82
CA CYS B 79 -10.62 5.31 8.84
C CYS B 79 -10.69 4.46 10.11
N ASN B 80 -11.06 5.09 11.22
CA ASN B 80 -11.16 4.41 12.50
C ASN B 80 -12.03 5.25 13.44
N LYS B 81 -13.29 4.87 13.50
CA LYS B 81 -14.33 5.68 14.06
C LYS B 81 -14.00 6.12 15.48
N LYS B 82 -13.33 5.21 16.19
CA LYS B 82 -13.01 5.38 17.59
C LYS B 82 -11.88 6.37 17.79
N LEU B 83 -10.82 6.25 17.01
CA LEU B 83 -9.70 7.14 17.20
C LEU B 83 -10.18 8.52 16.78
N TRP B 84 -11.04 8.55 15.77
CA TRP B 84 -11.58 9.78 15.29
C TRP B 84 -12.42 10.52 16.34
N GLU B 85 -13.13 9.80 17.18
CA GLU B 85 -13.95 10.46 18.19
C GLU B 85 -13.06 10.92 19.32
N ARG B 86 -12.11 10.11 19.67
CA ARG B 86 -11.08 10.47 20.59
C ARG B 86 -10.37 11.77 20.14
N TYR B 87 -10.12 11.90 18.83
CA TYR B 87 -9.52 13.12 18.30
C TYR B 87 -10.46 14.30 18.46
N THR B 88 -11.68 14.19 17.94
CA THR B 88 -12.61 15.31 17.99
C THR B 88 -13.02 15.71 19.42
N HIS B 89 -12.97 14.79 20.37
CA HIS B 89 -13.36 15.11 21.73
C HIS B 89 -12.26 15.97 22.28
N ARG B 90 -11.02 15.66 21.92
CA ARG B 90 -9.90 16.42 22.45
C ARG B 90 -9.84 17.77 21.76
N ARG B 91 -10.16 17.80 20.49
CA ARG B 91 -10.11 19.04 19.76
C ARG B 91 -11.11 20.05 20.29
N LYS B 92 -12.29 19.58 20.70
CA LYS B 92 -13.33 20.46 21.21
C LYS B 92 -12.84 21.04 22.52
N GLU B 93 -12.25 20.22 23.36
CA GLU B 93 -11.67 20.69 24.59
C GLU B 93 -10.63 21.77 24.37
N VAL B 94 -9.72 21.50 23.46
CA VAL B 94 -8.67 22.46 23.19
C VAL B 94 -9.31 23.68 22.60
N SER B 95 -10.21 23.47 21.66
CA SER B 95 -10.78 24.61 21.02
C SER B 95 -11.42 25.54 22.05
N GLU B 96 -12.16 24.96 22.99
CA GLU B 96 -12.85 25.76 23.99
C GLU B 96 -11.88 26.48 24.90
N GLU B 97 -10.80 25.82 25.28
CA GLU B 97 -9.75 26.44 26.07
C GLU B 97 -8.96 27.49 25.34
N ASN B 98 -9.25 27.73 24.08
CA ASN B 98 -8.49 28.68 23.31
C ASN B 98 -9.45 29.52 22.53
N HIS B 99 -10.59 29.80 23.16
CA HIS B 99 -11.50 30.78 22.62
C HIS B 99 -12.00 30.34 21.27
N ASN B 100 -12.38 29.06 21.22
CA ASN B 100 -12.98 28.40 20.07
C ASN B 100 -12.11 28.46 18.84
N HIS B 101 -10.84 28.10 19.03
CA HIS B 101 -9.90 27.99 17.90
C HIS B 101 -9.04 26.77 18.15
N ALA B 102 -9.34 25.71 17.42
CA ALA B 102 -8.57 24.47 17.53
C ALA B 102 -7.14 24.64 17.00
N ASN B 103 -7.01 25.54 16.02
CA ASN B 103 -5.75 25.79 15.37
C ASN B 103 -5.24 24.46 14.87
N GLU B 104 -6.04 23.87 14.01
CA GLU B 104 -5.84 22.53 13.48
C GLU B 104 -5.10 22.59 12.16
N ARG B 105 -4.06 21.77 12.01
CA ARG B 105 -3.27 21.77 10.77
C ARG B 105 -3.13 20.37 10.22
N MET B 106 -2.63 20.27 8.98
CA MET B 106 -2.21 19.01 8.40
C MET B 106 -0.70 18.96 8.36
N LEU B 107 -0.11 17.97 8.99
CA LEU B 107 1.33 17.90 9.19
C LEU B 107 1.80 16.48 9.05
N PHE B 108 3.03 16.33 8.57
CA PHE B 108 3.65 15.04 8.41
C PHE B 108 4.21 14.50 9.69
N HIS B 109 4.27 13.18 9.76
CA HIS B 109 4.93 12.42 10.84
C HIS B 109 5.54 11.16 10.23
N GLY B 110 6.83 10.97 10.51
CA GLY B 110 7.60 9.78 10.17
C GLY B 110 7.98 9.10 11.47
N SER B 111 7.95 7.76 11.46
CA SER B 111 8.16 6.95 12.63
C SER B 111 8.30 5.48 12.27
N PRO B 112 9.22 4.78 12.91
CA PRO B 112 9.25 3.34 12.68
C PRO B 112 7.96 2.67 13.07
N PHE B 113 7.09 3.33 13.85
CA PHE B 113 5.89 2.68 14.39
C PHE B 113 4.63 3.14 13.73
N VAL B 114 4.72 3.47 12.46
CA VAL B 114 3.58 3.95 11.72
C VAL B 114 2.45 2.92 11.72
N ASN B 115 2.78 1.65 11.60
CA ASN B 115 1.72 0.65 11.63
C ASN B 115 0.96 0.60 12.97
N ALA B 116 1.66 0.76 14.09
CA ALA B 116 0.97 0.80 15.38
C ALA B 116 0.10 2.02 15.44
N ILE B 117 0.66 3.18 15.08
CA ILE B 117 -0.08 4.42 15.24
C ILE B 117 -1.41 4.42 14.53
N ILE B 118 -1.45 3.89 13.33
CA ILE B 118 -2.74 3.84 12.60
C ILE B 118 -3.77 2.91 13.24
N HIS B 119 -3.33 1.93 14.04
CA HIS B 119 -4.24 1.06 14.80
C HIS B 119 -4.56 1.61 16.17
N LYS B 120 -3.53 2.00 16.92
CA LYS B 120 -3.67 2.44 18.31
C LYS B 120 -3.73 3.98 18.47
N GLY B 121 -3.35 4.71 17.43
CA GLY B 121 -3.28 6.17 17.53
C GLY B 121 -1.97 6.54 18.13
N PHE B 122 -1.80 7.82 18.44
CA PHE B 122 -0.55 8.28 19.08
C PHE B 122 -0.67 8.17 20.61
N ASP B 123 0.41 7.76 21.30
CA ASP B 123 0.53 8.02 22.75
C ASP B 123 1.98 8.38 23.14
N GLU B 124 2.31 8.34 24.43
CA GLU B 124 3.66 8.74 24.87
C GLU B 124 4.80 7.78 24.47
N ARG B 125 4.48 6.59 23.97
CA ARG B 125 5.43 5.75 23.24
C ARG B 125 6.06 6.47 22.05
N HIS B 126 5.34 7.41 21.45
CA HIS B 126 5.80 8.04 20.20
C HIS B 126 6.47 9.38 20.40
N ALA B 127 6.76 9.71 21.67
CA ALA B 127 7.37 10.99 22.02
C ALA B 127 8.86 10.90 21.83
N TYR B 128 9.38 11.86 21.12
CA TYR B 128 10.81 11.99 20.99
C TYR B 128 11.23 12.73 22.27
N ILE B 129 11.88 12.01 23.17
CA ILE B 129 12.13 12.55 24.50
C ILE B 129 13.20 13.63 24.38
N GLY B 130 14.21 13.36 23.55
CA GLY B 130 15.31 14.31 23.29
C GLY B 130 15.05 15.33 22.20
N GLY B 131 13.81 15.60 21.84
CA GLY B 131 13.53 16.58 20.81
C GLY B 131 14.00 17.96 21.18
N MET B 132 14.42 18.73 20.19
CA MET B 132 14.90 20.10 20.38
C MET B 132 13.91 21.05 21.03
N PHE B 133 12.63 20.74 20.96
CA PHE B 133 11.65 21.65 21.49
C PHE B 133 10.98 21.03 22.68
N GLY B 134 11.63 20.03 23.27
CA GLY B 134 11.10 19.34 24.45
C GLY B 134 10.57 17.95 24.17
N ALA B 135 10.37 17.17 25.22
CA ALA B 135 9.84 15.83 25.07
C ALA B 135 8.37 15.95 24.65
N GLY B 136 8.04 15.29 23.54
CA GLY B 136 6.67 15.19 23.04
C GLY B 136 6.62 14.54 21.68
N ILE B 137 5.48 14.66 21.01
CA ILE B 137 5.25 14.08 19.70
C ILE B 137 5.39 15.14 18.60
N TYR B 138 6.34 14.90 17.68
CA TYR B 138 6.80 15.85 16.64
C TYR B 138 6.16 15.63 15.30
N PHE B 139 5.91 16.75 14.62
CA PHE B 139 5.21 16.79 13.36
C PHE B 139 5.96 17.81 12.57
N ALA B 140 6.02 17.62 11.25
CA ALA B 140 6.67 18.59 10.37
C ALA B 140 5.81 19.10 9.22
N GLU B 141 5.98 20.39 8.86
CA GLU B 141 5.47 20.86 7.61
C GLU B 141 6.28 20.33 6.43
N ASN B 142 7.59 20.12 6.59
CA ASN B 142 8.40 19.55 5.48
C ASN B 142 8.31 18.08 5.46
N SER B 143 7.77 17.54 4.39
CA SER B 143 7.69 16.12 4.27
C SER B 143 9.09 15.50 4.41
N SER B 144 10.10 16.14 3.88
CA SER B 144 11.45 15.58 3.92
C SER B 144 12.05 15.48 5.34
N LYS B 145 11.59 16.37 6.22
CA LYS B 145 11.96 16.31 7.61
C LYS B 145 11.37 15.12 8.27
N SER B 146 10.06 14.89 8.11
CA SER B 146 9.47 13.66 8.65
C SER B 146 10.13 12.41 8.04
N ASN B 147 10.52 12.48 6.78
CA ASN B 147 11.19 11.34 6.12
C ASN B 147 12.49 10.94 6.83
N GLN B 148 13.18 11.89 7.48
CA GLN B 148 14.38 11.58 8.22
C GLN B 148 14.14 10.60 9.38
N TYR B 149 12.89 10.45 9.80
CA TYR B 149 12.55 9.61 10.95
C TYR B 149 11.90 8.27 10.64
N VAL B 150 11.69 7.99 9.36
CA VAL B 150 11.07 6.74 8.92
C VAL B 150 11.74 5.50 9.51
N TYR B 151 13.06 5.52 9.54
CA TYR B 151 13.86 4.40 10.07
C TYR B 151 14.46 4.74 11.45
N GLY B 152 13.80 5.58 12.22
CA GLY B 152 14.33 5.99 13.51
C GLY B 152 14.99 7.36 13.53
N ILE B 153 15.34 7.78 14.73
CA ILE B 153 15.94 9.05 14.99
C ILE B 153 17.25 9.07 14.23
N GLY B 154 17.47 10.15 13.48
CA GLY B 154 18.67 10.29 12.68
C GLY B 154 18.71 9.30 11.52
N GLY B 155 17.58 8.67 11.26
CA GLY B 155 17.48 7.63 10.23
C GLY B 155 17.96 6.25 10.63
N GLY B 156 18.12 6.00 11.95
CA GLY B 156 18.71 4.75 12.50
C GLY B 156 19.84 4.18 11.65
N THR B 157 19.75 2.91 11.32
CA THR B 157 20.75 2.28 10.44
C THR B 157 20.26 2.17 8.97
N GLY B 158 19.13 2.81 8.65
CA GLY B 158 18.67 2.91 7.25
C GLY B 158 17.66 1.81 6.99
N CYS B 159 17.40 1.48 5.71
CA CYS B 159 16.40 0.43 5.42
C CYS B 159 16.76 -0.93 6.06
N PRO B 160 15.74 -1.66 6.54
CA PRO B 160 15.97 -3.00 7.12
C PRO B 160 16.70 -4.01 6.19
N VAL B 161 16.80 -3.73 4.89
CA VAL B 161 17.36 -4.70 3.96
C VAL B 161 18.73 -4.32 3.46
N HIS B 162 18.97 -3.05 3.16
CA HIS B 162 20.30 -2.63 2.72
C HIS B 162 21.05 -1.82 3.80
N LYS B 163 20.37 -1.56 4.93
CA LYS B 163 20.91 -0.65 5.95
C LYS B 163 21.40 0.64 5.32
N ASP B 164 20.60 1.15 4.39
CA ASP B 164 20.96 2.28 3.55
C ASP B 164 19.91 3.35 3.78
N ARG B 165 20.31 4.44 4.42
CA ARG B 165 19.39 5.52 4.76
C ARG B 165 18.93 6.28 3.52
N SER B 166 19.72 6.23 2.44
CA SER B 166 19.31 6.77 1.15
C SER B 166 18.76 5.73 0.15
N CYS B 167 18.25 4.63 0.69
CA CYS B 167 17.76 3.55 -0.16
C CYS B 167 16.65 4.05 -1.06
N TYR B 168 16.87 3.87 -2.37
CA TYR B 168 15.92 4.28 -3.43
C TYR B 168 15.02 3.16 -3.86
N ILE B 169 15.25 1.97 -3.31
CA ILE B 169 14.52 0.75 -3.70
C ILE B 169 13.41 0.52 -2.69
N CYS B 170 13.76 0.51 -1.40
CA CYS B 170 12.82 0.08 -0.36
C CYS B 170 11.67 1.08 -0.19
N HIS B 171 10.50 0.57 0.15
CA HIS B 171 9.30 1.39 0.33
C HIS B 171 9.30 1.99 1.71
N ARG B 172 8.89 3.25 1.78
CA ARG B 172 8.76 3.95 3.07
C ARG B 172 7.30 4.37 3.23
N GLN B 173 6.89 4.66 4.46
CA GLN B 173 5.59 5.26 4.71
C GLN B 173 5.74 6.51 5.59
N LEU B 174 4.97 7.55 5.27
CA LEU B 174 4.73 8.71 6.10
C LEU B 174 3.23 8.79 6.47
N LEU B 175 2.92 9.44 7.58
CA LEU B 175 1.54 9.82 7.90
C LEU B 175 1.34 11.31 7.69
N PHE B 176 0.21 11.67 7.11
CA PHE B 176 -0.15 13.08 6.96
C PHE B 176 -1.34 13.24 7.92
N CYS B 177 -1.20 14.09 8.92
CA CYS B 177 -2.06 13.98 10.09
C CYS B 177 -2.76 15.27 10.36
N ARG B 178 -3.92 15.14 10.97
CA ARG B 178 -4.71 16.25 11.40
C ARG B 178 -4.25 16.48 12.80
N VAL B 179 -3.80 17.69 13.12
CA VAL B 179 -3.17 17.96 14.41
C VAL B 179 -3.71 19.23 14.98
N THR B 180 -4.20 19.14 16.21
CA THR B 180 -4.72 20.27 16.97
C THR B 180 -3.60 20.96 17.74
N LEU B 181 -3.28 22.18 17.35
CA LEU B 181 -2.21 22.98 18.03
C LEU B 181 -2.67 23.76 19.23
N GLY B 182 -3.93 24.20 19.16
CA GLY B 182 -4.51 25.11 20.15
C GLY B 182 -3.67 26.36 20.31
N LYS B 183 -3.56 26.84 21.54
CA LYS B 183 -2.57 27.87 21.88
C LYS B 183 -1.14 27.30 21.80
N SER B 184 -0.41 27.74 20.79
CA SER B 184 0.90 27.16 20.48
C SER B 184 1.99 28.09 20.97
N PHE B 185 2.98 27.55 21.68
CA PHE B 185 4.10 28.37 22.13
C PHE B 185 5.11 28.53 21.01
N LEU B 186 5.38 29.77 20.64
CA LEU B 186 6.35 30.01 19.61
C LEU B 186 7.78 29.93 20.13
N GLN B 187 8.55 29.01 19.58
CA GLN B 187 9.94 28.78 20.00
C GLN B 187 10.85 28.94 18.78
N PHE B 188 11.91 29.73 18.90
CA PHE B 188 12.84 29.80 17.81
C PHE B 188 14.02 28.90 18.12
N SER B 189 14.52 28.34 17.04
CA SER B 189 15.55 27.34 17.05
C SER B 189 16.73 28.06 16.45
N ALA B 190 17.89 27.42 16.49
CA ALA B 190 19.10 28.01 15.96
C ALA B 190 19.29 27.67 14.44
N MET B 191 18.64 26.58 13.98
CA MET B 191 18.77 26.07 12.60
C MET B 191 18.07 26.92 11.51
N ALA B 194 6.11 15.38 27.43
CA ALA B 194 6.28 15.47 28.92
C ALA B 194 5.12 16.28 29.49
N HIS B 195 5.26 17.60 29.52
CA HIS B 195 4.19 18.45 29.99
C HIS B 195 4.11 19.67 29.10
N SER B 196 2.90 20.10 28.83
CA SER B 196 2.64 21.22 27.93
C SER B 196 3.20 22.56 28.47
N PRO B 197 3.60 23.52 27.59
CA PRO B 197 4.18 24.73 28.20
C PRO B 197 3.12 25.56 28.92
N PRO B 198 3.53 26.69 29.57
CA PRO B 198 2.58 27.26 30.53
C PRO B 198 1.25 27.70 29.92
N GLY B 199 0.25 26.84 30.03
CA GLY B 199 -1.06 27.16 29.49
C GLY B 199 -1.13 27.03 27.98
N HIS B 200 -0.14 26.37 27.39
CA HIS B 200 -0.08 26.13 25.95
C HIS B 200 -0.44 24.69 25.58
N HIS B 201 -1.05 24.46 24.44
CA HIS B 201 -1.38 23.09 24.05
C HIS B 201 -0.36 22.45 23.09
N SER B 202 0.65 23.22 22.66
CA SER B 202 1.72 22.73 21.79
C SER B 202 2.82 23.75 21.74
N VAL B 203 3.89 23.37 21.05
CA VAL B 203 5.00 24.23 20.68
C VAL B 203 5.13 24.25 19.16
N THR B 204 5.30 25.47 18.63
CA THR B 204 5.68 25.71 17.27
C THR B 204 7.16 26.05 17.31
N GLY B 205 7.93 25.24 16.61
CA GLY B 205 9.37 25.37 16.51
C GLY B 205 9.68 25.95 15.15
N ARG B 206 10.31 27.11 15.14
CA ARG B 206 10.45 27.89 13.95
C ARG B 206 11.96 28.05 13.74
N PRO B 207 12.54 27.37 12.75
CA PRO B 207 14.00 27.59 12.52
C PRO B 207 14.36 29.04 12.17
N SER B 208 15.22 29.66 12.98
CA SER B 208 15.54 31.10 12.84
C SER B 208 16.66 31.44 11.82
N VAL B 209 17.57 30.49 11.57
CA VAL B 209 18.61 30.70 10.56
C VAL B 209 18.06 30.45 9.15
N ASN B 210 17.83 29.19 8.82
CA ASN B 210 17.34 28.81 7.53
C ASN B 210 15.83 29.11 7.35
N GLY B 211 15.54 30.16 6.56
CA GLY B 211 14.15 30.55 6.26
C GLY B 211 13.40 29.72 5.21
N LEU B 212 14.14 28.92 4.43
CA LEU B 212 13.56 27.84 3.61
C LEU B 212 13.01 26.67 4.42
N ALA B 213 13.58 26.41 5.60
CA ALA B 213 13.05 25.38 6.45
C ALA B 213 11.71 25.83 6.98
N LEU B 214 10.73 24.92 6.95
CA LEU B 214 9.42 25.17 7.52
C LEU B 214 9.34 24.71 8.98
N ALA B 215 8.24 25.09 9.64
CA ALA B 215 8.01 24.84 11.03
C ALA B 215 7.85 23.38 11.39
N GLU B 216 8.14 23.09 12.66
CA GLU B 216 8.00 21.75 13.27
C GLU B 216 7.13 21.91 14.52
N TYR B 217 6.33 20.92 14.89
CA TYR B 217 5.44 21.11 16.02
C TYR B 217 5.56 19.98 17.01
N VAL B 218 5.18 20.24 18.26
CA VAL B 218 5.22 19.24 19.32
C VAL B 218 3.92 19.31 20.04
N ILE B 219 3.27 18.16 20.21
CA ILE B 219 2.13 18.06 21.10
C ILE B 219 2.46 17.10 22.20
N TYR B 220 1.72 17.17 23.29
CA TYR B 220 1.97 16.33 24.46
C TYR B 220 0.94 15.25 24.66
N ARG B 221 -0.17 15.34 23.94
CA ARG B 221 -1.27 14.42 24.06
C ARG B 221 -1.47 13.76 22.71
N GLY B 222 -1.27 12.44 22.64
CA GLY B 222 -1.58 11.65 21.47
C GLY B 222 -2.95 11.88 20.84
N GLU B 223 -3.93 12.18 21.68
CA GLU B 223 -5.29 12.44 21.25
C GLU B 223 -5.39 13.73 20.43
N GLN B 224 -4.36 14.56 20.44
CA GLN B 224 -4.39 15.81 19.68
C GLN B 224 -3.96 15.68 18.24
N ALA B 225 -3.68 14.44 17.81
CA ALA B 225 -3.38 14.16 16.41
C ALA B 225 -4.16 12.96 15.88
N TYR B 226 -4.56 13.00 14.62
CA TYR B 226 -5.16 11.86 13.95
C TYR B 226 -4.46 11.55 12.64
N PRO B 227 -3.99 10.30 12.47
CA PRO B 227 -3.31 9.91 11.24
C PRO B 227 -4.30 9.72 10.10
N GLU B 228 -4.50 10.74 9.29
CA GLU B 228 -5.53 10.70 8.28
C GLU B 228 -5.11 9.99 7.02
N TYR B 229 -3.88 10.24 6.57
CA TYR B 229 -3.41 9.52 5.42
C TYR B 229 -2.14 8.77 5.76
N LEU B 230 -2.02 7.61 5.12
CA LEU B 230 -0.82 6.80 5.09
C LEU B 230 -0.34 6.82 3.64
N ILE B 231 0.85 7.37 3.44
CA ILE B 231 1.46 7.52 2.13
C ILE B 231 2.57 6.56 2.12
N THR B 232 2.59 5.72 1.07
CA THR B 232 3.69 4.78 0.77
C THR B 232 4.42 5.28 -0.47
N TYR B 233 5.74 5.35 -0.41
CA TYR B 233 6.56 5.97 -1.43
C TYR B 233 8.02 5.43 -1.37
N GLN B 234 8.76 5.81 -2.42
CA GLN B 234 10.20 5.71 -2.47
C GLN B 234 10.70 7.12 -2.68
N ILE B 235 11.83 7.44 -2.06
CA ILE B 235 12.57 8.61 -2.45
C ILE B 235 13.13 8.28 -3.80
N MET B 236 13.29 9.32 -4.62
CA MET B 236 13.79 9.17 -5.98
C MET B 236 15.20 9.71 -6.18
N ARG B 237 16.03 8.91 -6.84
CA ARG B 237 17.37 9.33 -7.17
C ARG B 237 17.25 10.50 -8.15
N PRO B 238 17.94 11.60 -7.88
CA PRO B 238 17.99 12.70 -8.85
C PRO B 238 18.95 12.37 -9.99
N GLU B 239 18.95 13.15 -11.07
CA GLU B 239 20.09 13.09 -12.02
C GLU B 239 20.95 14.33 -11.90
#